data_8BF6
#
_entry.id   8BF6
#
_cell.length_a   36.295
_cell.length_b   116.711
_cell.length_c   141.471
_cell.angle_alpha   90.000
_cell.angle_beta   90.000
_cell.angle_gamma   90.000
#
_symmetry.space_group_name_H-M   'C 2 2 21'
#
loop_
_entity.id
_entity.type
_entity.pdbx_description
1 polymer 'ABC transporter'
2 non-polymer 'FE (III) ION'
3 non-polymer Azotochelin
4 non-polymer 'NICKEL (II) ION'
5 non-polymer 'SULFATE ION'
6 water water
#
_entity_poly.entity_id   1
_entity_poly.type   'polypeptide(L)'
_entity_poly.pdbx_seq_one_letter_code
;CGNEDNAKNASSSNPKNDSEEITIKHELGETKVKKKPEKVVVFDFGVLDSLDKLGVEVTGVPKANLPSYLEKYKDSKYEN
VGGLMEPDFEKINEIAPDLIIISGRQANSYEKFAEIAPTVYMGIDTKNYIDSFANNMKTLGKIFGKEKEVEKELESINKQ
IEAVKAKAEKTSGKALIVLTTGGKVSAYGPGSRFGIIHDVLGIKPVDANIEVSTHGQSISFEYIAEKNPDYLFVVDRDAV
VAGKPSAKQTIENELVKKTNAYKNNRIIYLNPNYWYLAGGGLISVAEMINEVEKGIE
;
_entity_poly.pdbx_strand_id   A
#
# COMPACT_ATOMS: atom_id res chain seq x y z
N GLU A 20 -13.88 -16.85 -22.26
CA GLU A 20 -14.39 -17.21 -20.91
C GLU A 20 -14.60 -15.92 -20.13
N GLU A 21 -15.50 -15.07 -20.63
CA GLU A 21 -15.74 -13.73 -20.12
C GLU A 21 -16.35 -13.79 -18.71
N ILE A 22 -15.97 -12.88 -17.81
CA ILE A 22 -16.68 -12.69 -16.54
C ILE A 22 -16.88 -11.20 -16.31
N THR A 23 -17.82 -10.87 -15.41
CA THR A 23 -18.15 -9.49 -15.08
C THR A 23 -17.66 -9.19 -13.65
N ILE A 24 -16.86 -8.13 -13.52
CA ILE A 24 -16.34 -7.67 -12.24
C ILE A 24 -17.12 -6.42 -11.83
N LYS A 25 -17.76 -6.47 -10.65
CA LYS A 25 -18.31 -5.28 -10.03
C LYS A 25 -17.18 -4.62 -9.27
N HIS A 26 -17.06 -3.30 -9.36
CA HIS A 26 -16.00 -2.63 -8.63
C HIS A 26 -16.50 -1.24 -8.26
N GLU A 27 -15.72 -0.56 -7.44
CA GLU A 27 -16.08 0.75 -6.90
C GLU A 27 -16.55 1.67 -8.03
N LEU A 28 -16.04 1.53 -9.26
CA LEU A 28 -16.30 2.53 -10.30
C LEU A 28 -17.17 2.01 -11.43
N GLY A 29 -17.75 0.81 -11.28
CA GLY A 29 -18.65 0.29 -12.29
C GLY A 29 -18.50 -1.20 -12.48
N GLU A 30 -18.98 -1.67 -13.63
CA GLU A 30 -19.02 -3.09 -13.91
C GLU A 30 -18.23 -3.34 -15.17
N THR A 31 -17.21 -4.20 -15.06
CA THR A 31 -16.34 -4.47 -16.19
C THR A 31 -16.44 -5.93 -16.61
N LYS A 32 -16.65 -6.13 -17.91
CA LYS A 32 -16.62 -7.45 -18.52
C LYS A 32 -15.18 -7.77 -18.94
N VAL A 33 -14.64 -8.90 -18.49
CA VAL A 33 -13.25 -9.21 -18.72
C VAL A 33 -13.11 -10.66 -19.19
N LYS A 34 -12.26 -10.84 -20.20
CA LYS A 34 -11.80 -12.15 -20.62
C LYS A 34 -11.02 -12.78 -19.47
N LYS A 35 -11.38 -14.00 -19.07
CA LYS A 35 -10.54 -14.79 -18.17
C LYS A 35 -9.18 -15.06 -18.79
N LYS A 36 -8.16 -15.08 -17.93
CA LYS A 36 -6.77 -15.31 -18.31
C LYS A 36 -6.36 -14.39 -19.45
N PRO A 37 -6.56 -13.06 -19.33
CA PRO A 37 -6.23 -12.13 -20.42
C PRO A 37 -4.75 -12.20 -20.79
N GLU A 38 -4.44 -12.01 -22.09
CA GLU A 38 -3.08 -12.13 -22.58
C GLU A 38 -2.27 -10.91 -22.15
N LYS A 39 -2.81 -9.69 -22.35
CA LYS A 39 -2.05 -8.47 -22.13
C LYS A 39 -2.63 -7.70 -20.95
N VAL A 40 -1.84 -7.59 -19.87
CA VAL A 40 -2.28 -6.96 -18.63
C VAL A 40 -1.41 -5.74 -18.32
N VAL A 41 -2.06 -4.57 -18.19
CA VAL A 41 -1.42 -3.35 -17.72
C VAL A 41 -1.87 -3.02 -16.29
N VAL A 42 -0.89 -2.72 -15.42
CA VAL A 42 -1.08 -2.65 -13.97
C VAL A 42 -0.56 -1.30 -13.47
N PHE A 43 -1.44 -0.54 -12.80
CA PHE A 43 -1.09 0.75 -12.23
C PHE A 43 -1.16 0.75 -10.70
N ASP A 44 -1.34 -0.42 -10.07
CA ASP A 44 -1.32 -0.54 -8.62
C ASP A 44 -0.21 -1.52 -8.27
N PHE A 45 0.73 -1.12 -7.40
CA PHE A 45 1.92 -1.96 -7.18
C PHE A 45 1.62 -3.16 -6.28
N GLY A 46 0.69 -2.99 -5.35
CA GLY A 46 0.06 -4.09 -4.64
C GLY A 46 -0.44 -5.18 -5.58
N VAL A 47 -1.21 -4.79 -6.60
CA VAL A 47 -1.63 -5.78 -7.57
C VAL A 47 -0.42 -6.39 -8.28
N LEU A 48 0.54 -5.52 -8.63
CA LEU A 48 1.69 -6.00 -9.38
C LEU A 48 2.42 -7.06 -8.57
N ASP A 49 2.64 -6.79 -7.28
CA ASP A 49 3.36 -7.74 -6.45
C ASP A 49 2.51 -9.00 -6.22
N SER A 50 1.18 -8.87 -6.24
CA SER A 50 0.29 -10.03 -6.11
C SER A 50 0.42 -10.93 -7.35
N LEU A 51 0.33 -10.33 -8.54
CA LEU A 51 0.48 -11.08 -9.77
C LEU A 51 1.88 -11.69 -9.84
N ASP A 52 2.89 -10.95 -9.36
CA ASP A 52 4.24 -11.51 -9.27
C ASP A 52 4.19 -12.79 -8.42
N LYS A 53 3.54 -12.70 -7.27
CA LYS A 53 3.51 -13.80 -6.31
C LYS A 53 2.81 -15.02 -6.93
N LEU A 54 1.78 -14.78 -7.76
CA LEU A 54 0.98 -15.86 -8.33
C LEU A 54 1.54 -16.36 -9.66
N GLY A 55 2.69 -15.82 -10.09
CA GLY A 55 3.32 -16.26 -11.32
C GLY A 55 2.50 -15.87 -12.55
N VAL A 56 1.80 -14.74 -12.46
CA VAL A 56 1.00 -14.25 -13.57
C VAL A 56 1.82 -13.19 -14.31
N GLU A 57 1.95 -13.31 -15.63
CA GLU A 57 2.82 -12.44 -16.38
C GLU A 57 2.05 -11.15 -16.70
N VAL A 58 2.69 -9.98 -16.52
CA VAL A 58 2.09 -8.73 -16.91
C VAL A 58 2.87 -8.18 -18.10
N THR A 59 2.21 -7.27 -18.86
CA THR A 59 2.75 -6.70 -20.08
C THR A 59 3.31 -5.30 -19.82
N GLY A 60 2.54 -4.45 -19.11
CA GLY A 60 2.92 -3.06 -18.95
C GLY A 60 2.81 -2.58 -17.49
N VAL A 61 3.76 -1.73 -17.09
CA VAL A 61 3.78 -1.14 -15.76
C VAL A 61 4.32 0.28 -15.86
N PRO A 62 4.04 1.14 -14.85
CA PRO A 62 4.60 2.49 -14.79
C PRO A 62 6.00 2.47 -14.16
N LYS A 63 7.00 2.31 -15.01
CA LYS A 63 8.36 2.01 -14.58
C LYS A 63 8.93 3.15 -13.75
N ALA A 64 8.48 4.38 -14.04
CA ALA A 64 9.03 5.56 -13.36
C ALA A 64 8.85 5.49 -11.85
N ASN A 65 7.84 4.77 -11.32
CA ASN A 65 7.63 4.78 -9.88
C ASN A 65 7.76 3.37 -9.26
N LEU A 66 8.41 2.44 -9.96
CA LEU A 66 8.45 1.07 -9.49
C LEU A 66 9.14 1.05 -8.14
N PRO A 67 8.56 0.34 -7.14
CA PRO A 67 9.24 0.11 -5.85
C PRO A 67 10.51 -0.74 -6.00
N SER A 68 11.44 -0.55 -5.05
CA SER A 68 12.69 -1.26 -5.00
C SER A 68 12.45 -2.75 -5.27
N TYR A 69 11.50 -3.32 -4.52
CA TYR A 69 11.33 -4.77 -4.49
C TYR A 69 10.66 -5.26 -5.77
N LEU A 70 10.27 -4.37 -6.67
CA LEU A 70 9.67 -4.76 -7.93
C LEU A 70 10.53 -4.29 -9.11
N GLU A 71 11.82 -4.10 -8.85
CA GLU A 71 12.78 -3.57 -9.82
C GLU A 71 12.83 -4.43 -11.08
N LYS A 72 12.47 -5.69 -10.96
CA LYS A 72 12.60 -6.58 -12.10
C LYS A 72 11.63 -6.18 -13.21
N TYR A 73 10.52 -5.49 -12.88
CA TYR A 73 9.60 -5.02 -13.89
C TYR A 73 10.11 -3.81 -14.69
N LYS A 74 11.34 -3.37 -14.39
CA LYS A 74 12.03 -2.42 -15.27
C LYS A 74 12.48 -3.09 -16.56
N ASP A 75 12.64 -4.40 -16.55
CA ASP A 75 13.20 -5.12 -17.66
C ASP A 75 12.52 -4.73 -18.98
N SER A 76 13.30 -4.76 -20.05
CA SER A 76 12.84 -4.41 -21.38
C SER A 76 11.75 -5.37 -21.87
N LYS A 77 11.53 -6.49 -21.20
CA LYS A 77 10.44 -7.38 -21.60
C LYS A 77 9.10 -6.79 -21.18
N TYR A 78 9.09 -5.81 -20.27
CA TYR A 78 7.85 -5.13 -19.90
C TYR A 78 7.75 -3.79 -20.60
N GLU A 79 6.54 -3.44 -21.05
CA GLU A 79 6.27 -2.13 -21.61
C GLU A 79 6.17 -1.11 -20.50
N ASN A 80 6.69 0.09 -20.74
CA ASN A 80 6.62 1.21 -19.83
C ASN A 80 5.38 2.02 -20.15
N VAL A 81 4.43 2.09 -19.22
CA VAL A 81 3.20 2.84 -19.43
C VAL A 81 3.19 4.15 -18.63
N GLY A 82 4.36 4.63 -18.18
CA GLY A 82 4.50 5.97 -17.64
C GLY A 82 4.69 6.00 -16.11
N GLY A 83 3.99 6.92 -15.46
CA GLY A 83 4.03 7.06 -14.01
C GLY A 83 2.66 6.78 -13.42
N LEU A 84 2.64 6.41 -12.13
CA LEU A 84 1.42 6.29 -11.33
C LEU A 84 0.48 7.49 -11.55
N MET A 85 1.06 8.69 -11.60
CA MET A 85 0.25 9.89 -11.72
C MET A 85 0.28 10.43 -13.16
N GLU A 86 0.95 9.74 -14.10
CA GLU A 86 1.17 10.28 -15.43
C GLU A 86 1.18 9.09 -16.40
N PRO A 87 0.00 8.47 -16.62
CA PRO A 87 -0.13 7.32 -17.52
C PRO A 87 0.17 7.78 -18.94
N ASP A 88 0.91 6.96 -19.69
CA ASP A 88 1.17 7.21 -21.09
C ASP A 88 0.01 6.58 -21.86
N PHE A 89 -1.09 7.33 -22.03
CA PHE A 89 -2.32 6.82 -22.63
C PHE A 89 -2.11 6.37 -24.07
N GLU A 90 -1.23 7.04 -24.82
CA GLU A 90 -0.96 6.66 -26.20
C GLU A 90 -0.28 5.30 -26.24
N LYS A 91 0.74 5.12 -25.39
CA LYS A 91 1.42 3.84 -25.35
C LYS A 91 0.43 2.72 -24.98
N ILE A 92 -0.43 3.00 -24.01
CA ILE A 92 -1.39 2.01 -23.52
C ILE A 92 -2.28 1.59 -24.68
N ASN A 93 -2.73 2.56 -25.46
CA ASN A 93 -3.46 2.31 -26.68
C ASN A 93 -2.74 1.39 -27.66
N GLU A 94 -1.46 1.68 -27.93
CA GLU A 94 -0.65 0.85 -28.82
C GLU A 94 -0.58 -0.59 -28.31
N ILE A 95 -0.53 -0.80 -26.99
CA ILE A 95 -0.47 -2.15 -26.43
C ILE A 95 -1.80 -2.88 -26.66
N ALA A 96 -2.91 -2.15 -26.56
CA ALA A 96 -4.27 -2.71 -26.69
C ALA A 96 -4.40 -3.84 -25.67
N PRO A 97 -4.33 -3.51 -24.37
CA PRO A 97 -4.37 -4.52 -23.32
C PRO A 97 -5.73 -5.19 -23.27
N ASP A 98 -5.76 -6.43 -22.78
CA ASP A 98 -7.00 -7.14 -22.50
C ASP A 98 -7.55 -6.72 -21.12
N LEU A 99 -6.70 -6.12 -20.28
CA LEU A 99 -7.16 -5.69 -18.96
C LEU A 99 -6.18 -4.64 -18.42
N ILE A 100 -6.73 -3.53 -17.94
CA ILE A 100 -6.01 -2.55 -17.14
C ILE A 100 -6.50 -2.64 -15.70
N ILE A 101 -5.57 -2.67 -14.74
CA ILE A 101 -5.93 -2.62 -13.32
C ILE A 101 -5.38 -1.35 -12.69
N ILE A 102 -6.27 -0.57 -12.07
CA ILE A 102 -5.93 0.72 -11.48
C ILE A 102 -6.40 0.75 -10.04
N SER A 103 -5.98 1.78 -9.29
CA SER A 103 -6.46 1.99 -7.94
C SER A 103 -6.55 3.49 -7.68
N GLY A 104 -6.43 3.89 -6.41
CA GLY A 104 -6.78 5.22 -5.92
C GLY A 104 -6.13 6.37 -6.68
N ARG A 105 -4.82 6.29 -6.95
CA ARG A 105 -4.09 7.36 -7.62
C ARG A 105 -4.65 7.66 -9.03
N GLN A 106 -5.31 6.68 -9.68
CA GLN A 106 -5.83 6.86 -11.04
C GLN A 106 -7.35 6.97 -11.09
N ALA A 107 -8.04 7.03 -9.93
CA ALA A 107 -9.49 6.94 -9.93
C ALA A 107 -10.10 8.02 -10.82
N ASN A 108 -9.53 9.24 -10.79
CA ASN A 108 -9.94 10.35 -11.63
C ASN A 108 -9.92 10.03 -13.11
N SER A 109 -9.05 9.12 -13.53
CA SER A 109 -8.79 8.84 -14.92
C SER A 109 -9.47 7.55 -15.38
N TYR A 110 -10.40 7.02 -14.56
CA TYR A 110 -11.01 5.73 -14.81
C TYR A 110 -11.54 5.65 -16.24
N GLU A 111 -12.30 6.68 -16.65
CA GLU A 111 -12.99 6.71 -17.93
C GLU A 111 -12.02 6.69 -19.12
N LYS A 112 -10.90 7.42 -19.01
CA LYS A 112 -9.87 7.40 -20.03
C LYS A 112 -9.28 6.01 -20.18
N PHE A 113 -8.99 5.33 -19.06
CA PHE A 113 -8.54 3.96 -19.13
C PHE A 113 -9.63 3.06 -19.74
N ALA A 114 -10.88 3.25 -19.28
CA ALA A 114 -12.01 2.41 -19.66
C ALA A 114 -12.33 2.52 -21.16
N GLU A 115 -12.12 3.70 -21.76
CA GLU A 115 -12.26 3.88 -23.20
C GLU A 115 -11.30 2.94 -23.96
N ILE A 116 -10.09 2.72 -23.42
CA ILE A 116 -9.07 1.97 -24.14
C ILE A 116 -9.32 0.46 -24.06
N ALA A 117 -9.63 -0.01 -22.86
CA ALA A 117 -9.67 -1.43 -22.60
C ALA A 117 -10.39 -1.68 -21.29
N PRO A 118 -10.88 -2.91 -21.07
CA PRO A 118 -11.58 -3.25 -19.83
C PRO A 118 -10.65 -2.89 -18.68
N THR A 119 -11.14 -2.01 -17.80
CA THR A 119 -10.42 -1.47 -16.67
C THR A 119 -11.18 -1.88 -15.39
N VAL A 120 -10.43 -2.46 -14.44
CA VAL A 120 -10.95 -2.81 -13.13
C VAL A 120 -10.24 -1.92 -12.12
N TYR A 121 -11.03 -1.22 -11.29
CA TYR A 121 -10.53 -0.47 -10.16
C TYR A 121 -10.47 -1.36 -8.92
N MET A 122 -9.31 -1.40 -8.26
CA MET A 122 -9.15 -2.14 -7.02
C MET A 122 -8.58 -1.19 -5.98
N GLY A 123 -9.46 -0.62 -5.16
CA GLY A 123 -9.01 0.16 -4.04
C GLY A 123 -9.13 -0.63 -2.76
N ILE A 124 -8.58 -0.07 -1.69
CA ILE A 124 -8.72 -0.60 -0.34
C ILE A 124 -9.69 0.29 0.41
N ASP A 125 -10.66 -0.33 1.08
CA ASP A 125 -11.49 0.39 2.02
C ASP A 125 -10.76 0.41 3.37
N THR A 126 -10.32 1.61 3.76
CA THR A 126 -9.51 1.76 4.97
C THR A 126 -10.34 1.54 6.24
N LYS A 127 -11.68 1.50 6.10
CA LYS A 127 -12.57 1.07 7.18
C LYS A 127 -12.64 -0.45 7.31
N ASN A 128 -12.36 -1.19 6.23
CA ASN A 128 -12.36 -2.65 6.23
C ASN A 128 -11.16 -3.15 5.44
N TYR A 129 -9.97 -2.96 6.00
CA TYR A 129 -8.77 -3.13 5.22
C TYR A 129 -8.67 -4.56 4.70
N ILE A 130 -8.84 -5.56 5.59
CA ILE A 130 -8.52 -6.93 5.24
C ILE A 130 -9.59 -7.48 4.30
N ASP A 131 -10.86 -7.14 4.57
CA ASP A 131 -11.94 -7.54 3.70
C ASP A 131 -11.68 -7.02 2.29
N SER A 132 -11.41 -5.71 2.16
CA SER A 132 -11.08 -5.09 0.88
C SER A 132 -9.99 -5.85 0.13
N PHE A 133 -8.87 -6.00 0.84
CA PHE A 133 -7.69 -6.68 0.33
C PHE A 133 -8.04 -8.09 -0.16
N ALA A 134 -8.79 -8.84 0.65
CA ALA A 134 -9.11 -10.22 0.36
C ALA A 134 -9.98 -10.31 -0.89
N ASN A 135 -10.96 -9.41 -1.02
CA ASN A 135 -11.81 -9.34 -2.20
C ASN A 135 -11.00 -9.02 -3.45
N ASN A 136 -10.08 -8.05 -3.34
CA ASN A 136 -9.20 -7.71 -4.45
C ASN A 136 -8.43 -8.95 -4.90
N MET A 137 -7.82 -9.66 -3.95
CA MET A 137 -6.97 -10.81 -4.25
C MET A 137 -7.80 -11.95 -4.84
N LYS A 138 -9.05 -12.11 -4.36
CA LYS A 138 -9.92 -13.16 -4.87
C LYS A 138 -10.38 -12.81 -6.29
N THR A 139 -10.57 -11.54 -6.59
CA THR A 139 -10.86 -11.11 -7.96
C THR A 139 -9.71 -11.53 -8.89
N LEU A 140 -8.45 -11.36 -8.45
CA LEU A 140 -7.29 -11.78 -9.23
C LEU A 140 -7.29 -13.31 -9.37
N GLY A 141 -7.62 -13.99 -8.27
CA GLY A 141 -7.84 -15.43 -8.29
C GLY A 141 -8.79 -15.85 -9.42
N LYS A 142 -9.95 -15.18 -9.53
CA LYS A 142 -10.94 -15.54 -10.54
C LYS A 142 -10.42 -15.22 -11.95
N ILE A 143 -9.93 -13.99 -12.13
CA ILE A 143 -9.51 -13.54 -13.45
C ILE A 143 -8.48 -14.49 -14.04
N PHE A 144 -7.55 -14.98 -13.20
CA PHE A 144 -6.34 -15.63 -13.68
C PHE A 144 -6.34 -17.13 -13.41
N GLY A 145 -7.38 -17.63 -12.74
CA GLY A 145 -7.44 -19.04 -12.38
C GLY A 145 -6.40 -19.37 -11.31
N LYS A 146 -6.32 -18.51 -10.30
CA LYS A 146 -5.37 -18.65 -9.20
C LYS A 146 -6.08 -18.65 -7.86
N GLU A 147 -7.26 -19.27 -7.80
CA GLU A 147 -8.10 -19.22 -6.61
C GLU A 147 -7.42 -19.95 -5.45
N LYS A 148 -6.94 -21.18 -5.67
CA LYS A 148 -6.25 -21.96 -4.66
C LYS A 148 -5.01 -21.24 -4.15
N GLU A 149 -4.22 -20.70 -5.09
CA GLU A 149 -3.00 -19.99 -4.76
C GLU A 149 -3.33 -18.74 -3.95
N VAL A 150 -4.34 -17.97 -4.38
CA VAL A 150 -4.74 -16.78 -3.64
C VAL A 150 -5.16 -17.18 -2.21
N GLU A 151 -5.91 -18.27 -2.08
CA GLU A 151 -6.47 -18.69 -0.79
C GLU A 151 -5.36 -19.02 0.22
N LYS A 152 -4.33 -19.74 -0.26
CA LYS A 152 -3.22 -20.12 0.58
C LYS A 152 -2.43 -18.90 1.06
N GLU A 153 -2.24 -17.92 0.18
CA GLU A 153 -1.56 -16.69 0.58
C GLU A 153 -2.40 -15.92 1.59
N LEU A 154 -3.73 -15.86 1.39
CA LEU A 154 -4.56 -15.13 2.34
C LEU A 154 -4.51 -15.81 3.71
N GLU A 155 -4.46 -17.15 3.74
CA GLU A 155 -4.49 -17.89 4.99
C GLU A 155 -3.19 -17.70 5.76
N SER A 156 -2.12 -17.64 4.98
CA SER A 156 -0.78 -17.37 5.48
C SER A 156 -0.73 -16.01 6.16
N ILE A 157 -1.22 -14.97 5.46
CA ILE A 157 -1.28 -13.64 6.03
C ILE A 157 -2.12 -13.65 7.30
N ASN A 158 -3.21 -14.43 7.32
CA ASN A 158 -4.08 -14.45 8.49
C ASN A 158 -3.31 -14.95 9.70
N LYS A 159 -2.45 -15.95 9.51
CA LYS A 159 -1.62 -16.49 10.59
C LYS A 159 -0.61 -15.45 11.07
N GLN A 160 -0.12 -14.58 10.17
CA GLN A 160 0.73 -13.46 10.55
C GLN A 160 -0.02 -12.44 11.41
N ILE A 161 -1.18 -12.00 10.94
CA ILE A 161 -2.02 -11.09 11.71
C ILE A 161 -2.23 -11.69 13.11
N GLU A 162 -2.48 -13.01 13.16
CA GLU A 162 -2.79 -13.72 14.39
C GLU A 162 -1.66 -13.61 15.43
N ALA A 163 -0.44 -13.93 14.99
CA ALA A 163 0.72 -13.93 15.85
C ALA A 163 1.08 -12.51 16.29
N VAL A 164 0.92 -11.52 15.40
CA VAL A 164 1.31 -10.16 15.72
C VAL A 164 0.31 -9.51 16.66
N LYS A 165 -0.99 -9.78 16.45
CA LYS A 165 -2.00 -9.36 17.41
C LYS A 165 -1.66 -9.89 18.80
N ALA A 166 -1.18 -11.13 18.90
CA ALA A 166 -0.94 -11.73 20.21
C ALA A 166 0.24 -11.03 20.88
N LYS A 167 1.29 -10.72 20.11
CA LYS A 167 2.41 -9.95 20.61
C LYS A 167 1.92 -8.57 21.07
N ALA A 168 1.14 -7.90 20.21
CA ALA A 168 0.66 -6.55 20.49
C ALA A 168 -0.14 -6.50 21.78
N GLU A 169 -1.00 -7.52 21.98
CA GLU A 169 -1.92 -7.56 23.09
C GLU A 169 -1.20 -7.86 24.40
N LYS A 170 0.04 -8.33 24.32
CA LYS A 170 0.97 -8.24 25.44
C LYS A 170 1.36 -6.77 25.61
N THR A 171 2.06 -6.45 26.71
CA THR A 171 2.00 -5.13 27.32
C THR A 171 1.94 -4.04 26.25
N SER A 172 1.25 -2.96 26.60
CA SER A 172 0.74 -1.99 25.66
C SER A 172 1.76 -0.86 25.50
N GLY A 173 1.34 0.37 25.81
CA GLY A 173 1.92 1.55 25.19
C GLY A 173 1.30 1.78 23.81
N LYS A 174 1.26 3.04 23.39
CA LYS A 174 0.49 3.44 22.22
C LYS A 174 1.40 3.93 21.09
N ALA A 175 0.87 3.93 19.87
CA ALA A 175 1.65 4.24 18.69
C ALA A 175 1.11 5.49 18.01
N LEU A 176 2.02 6.24 17.40
CA LEU A 176 1.64 7.27 16.46
C LEU A 176 2.26 6.95 15.11
N ILE A 177 1.45 7.06 14.05
CA ILE A 177 1.91 6.86 12.68
C ILE A 177 2.07 8.24 12.02
N VAL A 178 3.28 8.49 11.49
CA VAL A 178 3.60 9.76 10.84
C VAL A 178 4.16 9.51 9.44
N LEU A 179 4.10 10.57 8.61
CA LEU A 179 4.68 10.61 7.27
C LEU A 179 5.52 11.87 7.10
N THR A 180 6.74 11.74 6.55
CA THR A 180 7.60 12.89 6.31
C THR A 180 7.62 13.23 4.81
N THR A 181 7.52 14.54 4.51
CA THR A 181 7.72 15.08 3.17
C THR A 181 8.11 16.55 3.28
N GLY A 182 9.14 16.96 2.54
CA GLY A 182 9.57 18.35 2.49
C GLY A 182 9.70 18.99 3.87
N GLY A 183 10.35 18.27 4.79
CA GLY A 183 10.61 18.77 6.14
C GLY A 183 9.37 18.71 7.04
N LYS A 184 8.18 18.51 6.45
CA LYS A 184 6.93 18.57 7.20
C LYS A 184 6.47 17.16 7.55
N VAL A 185 5.56 17.08 8.54
CA VAL A 185 5.13 15.85 9.15
C VAL A 185 3.60 15.85 9.22
N SER A 186 3.02 14.69 8.91
CA SER A 186 1.58 14.51 8.94
C SER A 186 1.25 13.19 9.61
N ALA A 187 0.00 13.02 10.04
CA ALA A 187 -0.33 11.92 10.92
C ALA A 187 -1.48 11.10 10.36
N TYR A 188 -1.48 9.81 10.74
CA TYR A 188 -2.52 8.86 10.42
C TYR A 188 -2.86 8.03 11.65
N GLY A 189 -4.16 7.75 11.82
CA GLY A 189 -4.66 6.94 12.90
C GLY A 189 -5.57 5.84 12.38
N PRO A 190 -6.44 5.28 13.26
CA PRO A 190 -7.39 4.24 12.86
C PRO A 190 -8.22 4.63 11.63
N GLY A 191 -8.53 3.64 10.79
CA GLY A 191 -9.40 3.85 9.64
C GLY A 191 -8.74 4.68 8.55
N SER A 192 -7.40 4.78 8.59
CA SER A 192 -6.64 5.57 7.63
C SER A 192 -5.89 4.64 6.68
N ARG A 193 -5.06 5.26 5.85
CA ARG A 193 -4.26 4.58 4.85
C ARG A 193 -3.29 3.60 5.51
N PHE A 194 -2.84 3.92 6.72
CA PHE A 194 -1.92 3.08 7.46
C PHE A 194 -2.62 2.51 8.71
N GLY A 195 -3.96 2.50 8.69
CA GLY A 195 -4.75 2.15 9.87
C GLY A 195 -4.57 0.69 10.27
N ILE A 196 -4.09 -0.14 9.34
CA ILE A 196 -3.80 -1.53 9.62
C ILE A 196 -3.12 -1.70 10.98
N ILE A 197 -2.16 -0.82 11.31
CA ILE A 197 -1.40 -0.92 12.54
C ILE A 197 -2.31 -0.97 13.77
N HIS A 198 -3.35 -0.11 13.81
CA HIS A 198 -4.31 -0.05 14.90
C HIS A 198 -5.47 -1.00 14.66
N ASP A 199 -6.00 -0.99 13.44
CA ASP A 199 -7.30 -1.57 13.12
C ASP A 199 -7.22 -3.10 13.09
N VAL A 200 -6.07 -3.63 12.67
CA VAL A 200 -5.93 -5.05 12.38
C VAL A 200 -4.97 -5.71 13.38
N LEU A 201 -3.84 -5.04 13.63
CA LEU A 201 -2.70 -5.65 14.30
C LEU A 201 -2.71 -5.34 15.79
N GLY A 202 -3.79 -4.72 16.28
CA GLY A 202 -4.05 -4.53 17.71
C GLY A 202 -3.12 -3.55 18.42
N ILE A 203 -2.36 -2.71 17.70
CA ILE A 203 -1.53 -1.69 18.34
C ILE A 203 -2.44 -0.51 18.68
N LYS A 204 -2.35 -0.04 19.94
CA LYS A 204 -3.26 0.97 20.46
C LYS A 204 -2.84 2.33 19.92
N PRO A 205 -3.78 3.20 19.51
CA PRO A 205 -3.43 4.53 19.02
C PRO A 205 -3.11 5.51 20.15
N VAL A 206 -2.13 6.39 19.93
CA VAL A 206 -1.88 7.48 20.86
C VAL A 206 -3.01 8.52 20.72
N ASP A 207 -3.60 8.63 19.51
CA ASP A 207 -4.74 9.49 19.26
C ASP A 207 -5.67 8.76 18.31
N ALA A 208 -6.90 8.47 18.78
CA ALA A 208 -7.83 7.62 18.08
C ALA A 208 -8.53 8.38 16.94
N ASN A 209 -8.40 9.72 16.95
CA ASN A 209 -9.33 10.60 16.27
C ASN A 209 -8.68 11.41 15.16
N ILE A 210 -7.50 10.99 14.68
CA ILE A 210 -6.79 11.72 13.64
C ILE A 210 -7.62 11.67 12.36
N GLU A 211 -7.75 12.84 11.72
CA GLU A 211 -8.58 12.98 10.54
C GLU A 211 -7.94 12.21 9.38
N VAL A 212 -8.71 11.29 8.80
CA VAL A 212 -8.30 10.48 7.67
C VAL A 212 -8.19 11.33 6.40
N SER A 213 -6.96 11.52 5.90
CA SER A 213 -6.73 12.07 4.57
C SER A 213 -5.58 11.30 3.91
N THR A 214 -5.45 11.50 2.60
CA THR A 214 -4.55 10.72 1.75
C THR A 214 -3.10 10.89 2.19
N HIS A 215 -2.69 12.16 2.35
CA HIS A 215 -1.31 12.49 2.67
C HIS A 215 -1.17 12.88 4.14
N GLY A 216 -2.22 12.63 4.94
CA GLY A 216 -2.15 12.68 6.40
C GLY A 216 -2.56 14.04 6.96
N GLN A 217 -2.91 14.07 8.26
CA GLN A 217 -3.27 15.31 8.94
C GLN A 217 -1.98 16.01 9.34
N SER A 218 -1.76 17.23 8.82
CA SER A 218 -0.61 18.03 9.19
C SER A 218 -0.54 18.17 10.71
N ILE A 219 0.68 18.18 11.28
CA ILE A 219 0.89 18.32 12.71
C ILE A 219 2.25 18.96 12.99
N SER A 220 2.32 19.65 14.12
CA SER A 220 3.57 20.19 14.62
C SER A 220 4.33 19.09 15.36
N PHE A 221 5.63 19.33 15.59
CA PHE A 221 6.45 18.45 16.41
C PHE A 221 6.02 18.53 17.87
N GLU A 222 5.41 19.66 18.26
CA GLU A 222 4.90 19.83 19.60
C GLU A 222 3.77 18.81 19.85
N TYR A 223 3.00 18.47 18.81
CA TYR A 223 1.92 17.50 18.96
C TYR A 223 2.47 16.11 19.30
N ILE A 224 3.60 15.75 18.65
CA ILE A 224 4.24 14.44 18.83
C ILE A 224 4.78 14.31 20.26
N ALA A 225 5.60 15.28 20.65
CA ALA A 225 6.18 15.34 21.99
C ALA A 225 5.06 15.31 23.01
N GLU A 226 3.99 16.06 22.72
CA GLU A 226 2.86 16.19 23.63
C GLU A 226 2.18 14.83 23.79
N LYS A 227 1.85 14.16 22.66
CA LYS A 227 1.16 12.88 22.67
C LYS A 227 2.02 11.80 23.35
N ASN A 228 3.33 11.97 23.18
CA ASN A 228 4.35 11.15 23.84
C ASN A 228 4.09 9.69 23.52
N PRO A 229 4.07 9.30 22.23
CA PRO A 229 3.83 7.91 21.88
C PRO A 229 5.00 7.07 22.36
N ASP A 230 4.70 5.78 22.59
CA ASP A 230 5.70 4.77 22.94
C ASP A 230 6.37 4.22 21.68
N TYR A 231 5.63 4.27 20.57
CA TYR A 231 6.14 3.87 19.26
C TYR A 231 5.85 4.99 18.26
N LEU A 232 6.88 5.38 17.50
CA LEU A 232 6.67 6.33 16.41
C LEU A 232 6.94 5.63 15.07
N PHE A 233 5.86 5.27 14.36
CA PHE A 233 5.97 4.70 13.02
C PHE A 233 6.15 5.84 12.02
N VAL A 234 7.22 5.79 11.23
CA VAL A 234 7.57 6.84 10.28
C VAL A 234 7.59 6.30 8.83
N VAL A 235 6.93 7.03 7.90
CA VAL A 235 6.97 6.70 6.48
C VAL A 235 7.69 7.81 5.73
N ASP A 236 8.89 7.50 5.18
CA ASP A 236 9.67 8.47 4.43
C ASP A 236 9.11 8.62 3.00
N ARG A 237 8.27 9.63 2.75
CA ARG A 237 7.64 9.81 1.46
C ARG A 237 8.67 10.27 0.43
N ASP A 238 9.52 11.23 0.80
CA ASP A 238 10.49 11.79 -0.13
C ASP A 238 11.45 10.73 -0.68
N ALA A 239 11.73 9.68 0.08
CA ALA A 239 12.55 8.58 -0.42
C ALA A 239 11.95 8.05 -1.72
N VAL A 240 10.62 7.93 -1.79
CA VAL A 240 10.01 7.21 -2.91
C VAL A 240 9.43 8.17 -3.94
N VAL A 241 9.05 9.39 -3.56
CA VAL A 241 8.49 10.34 -4.50
C VAL A 241 9.65 11.13 -5.15
N ALA A 242 10.60 11.61 -4.36
CA ALA A 242 11.64 12.49 -4.87
C ALA A 242 12.95 11.73 -5.06
N GLY A 243 13.00 10.48 -4.59
CA GLY A 243 14.21 9.67 -4.65
C GLY A 243 15.29 10.11 -3.65
N LYS A 244 14.89 10.91 -2.64
CA LYS A 244 15.85 11.50 -1.71
C LYS A 244 15.34 11.33 -0.28
N PRO A 245 15.80 10.29 0.45
CA PRO A 245 15.35 10.06 1.83
C PRO A 245 15.59 11.31 2.68
N SER A 246 14.67 11.57 3.61
CA SER A 246 14.81 12.72 4.51
C SER A 246 14.14 12.48 5.88
N ALA A 247 13.61 11.28 6.13
CA ALA A 247 12.76 11.04 7.29
C ALA A 247 13.58 11.16 8.59
N LYS A 248 14.73 10.46 8.67
CA LYS A 248 15.56 10.51 9.86
C LYS A 248 15.87 11.96 10.23
N GLN A 249 16.28 12.72 9.21
CA GLN A 249 16.71 14.10 9.35
C GLN A 249 15.54 15.00 9.78
N THR A 250 14.33 14.72 9.30
CA THR A 250 13.18 15.54 9.68
C THR A 250 12.74 15.25 11.11
N ILE A 251 12.69 13.96 11.46
CA ILE A 251 12.00 13.46 12.65
C ILE A 251 12.87 13.72 13.89
N GLU A 252 14.17 13.48 13.77
CA GLU A 252 15.04 13.43 14.91
C GLU A 252 15.48 14.84 15.30
N ASN A 253 14.55 15.59 15.91
CA ASN A 253 14.81 16.96 16.35
C ASN A 253 14.64 17.05 17.87
N GLU A 254 14.84 18.25 18.41
CA GLU A 254 14.70 18.51 19.83
C GLU A 254 13.43 17.87 20.38
N LEU A 255 12.26 18.32 19.88
CA LEU A 255 10.97 17.99 20.49
C LEU A 255 10.68 16.49 20.47
N VAL A 256 11.17 15.77 19.45
CA VAL A 256 10.81 14.36 19.28
C VAL A 256 11.69 13.47 20.18
N LYS A 257 12.92 13.91 20.47
CA LYS A 257 13.81 13.19 21.36
C LYS A 257 13.34 13.22 22.82
N LYS A 258 12.34 14.06 23.16
CA LYS A 258 11.65 13.98 24.45
C LYS A 258 10.92 12.64 24.60
N THR A 259 10.38 12.18 23.45
CA THR A 259 9.49 11.04 23.36
C THR A 259 10.15 9.77 23.91
N ASN A 260 9.29 8.87 24.40
CA ASN A 260 9.71 7.56 24.93
C ASN A 260 10.14 6.67 23.78
N ALA A 261 9.36 6.78 22.69
CA ALA A 261 9.66 6.13 21.42
C ALA A 261 11.10 6.40 21.01
N TYR A 262 11.55 7.66 21.15
CA TYR A 262 12.96 7.95 20.94
C TYR A 262 13.83 7.31 22.03
N LYS A 263 13.50 7.54 23.30
CA LYS A 263 14.38 7.13 24.38
C LYS A 263 14.42 5.59 24.48
N ASN A 264 13.45 4.88 23.87
CA ASN A 264 13.43 3.43 23.88
C ASN A 264 13.79 2.88 22.51
N ASN A 265 14.24 3.76 21.61
CA ASN A 265 14.71 3.35 20.29
C ASN A 265 13.56 2.60 19.59
N ARG A 266 12.34 3.16 19.69
CA ARG A 266 11.16 2.63 19.02
C ARG A 266 10.65 3.63 17.99
N ILE A 267 11.57 4.28 17.28
CA ILE A 267 11.23 4.96 16.04
C ILE A 267 11.44 3.97 14.92
N ILE A 268 10.34 3.48 14.35
CA ILE A 268 10.34 2.44 13.34
C ILE A 268 10.07 3.08 11.98
N TYR A 269 11.12 3.16 11.17
CA TYR A 269 11.07 3.65 9.80
C TYR A 269 10.48 2.56 8.92
N LEU A 270 9.19 2.69 8.57
CA LEU A 270 8.52 1.77 7.66
C LEU A 270 9.04 1.98 6.22
N ASN A 271 9.25 0.86 5.50
CA ASN A 271 9.81 0.88 4.16
C ASN A 271 8.76 1.46 3.21
N PRO A 272 8.98 2.70 2.71
CA PRO A 272 7.96 3.39 1.91
C PRO A 272 7.73 2.76 0.55
N ASN A 273 8.68 1.92 0.09
CA ASN A 273 8.52 1.11 -1.12
C ASN A 273 7.31 0.19 -1.00
N TYR A 274 7.11 -0.40 0.19
CA TYR A 274 5.96 -1.24 0.47
C TYR A 274 4.77 -0.40 0.91
N TRP A 275 4.97 0.48 1.92
CA TRP A 275 3.87 1.13 2.61
C TRP A 275 3.25 2.22 1.75
N TYR A 276 4.07 2.98 1.03
CA TYR A 276 3.60 4.18 0.37
C TYR A 276 3.31 3.89 -1.11
N LEU A 277 4.28 3.37 -1.86
CA LEU A 277 4.11 3.12 -3.29
C LEU A 277 3.18 1.93 -3.56
N ALA A 278 3.17 0.94 -2.66
CA ALA A 278 2.50 -0.32 -2.85
C ALA A 278 1.52 -0.51 -1.69
N GLY A 279 1.34 -1.72 -1.17
CA GLY A 279 0.28 -1.96 -0.21
C GLY A 279 -0.91 -2.64 -0.89
N GLY A 280 -1.63 -3.47 -0.14
CA GLY A 280 -2.80 -4.13 -0.69
C GLY A 280 -2.45 -5.32 -1.59
N GLY A 281 -1.19 -5.78 -1.54
CA GLY A 281 -0.78 -6.95 -2.32
C GLY A 281 -0.30 -8.10 -1.43
N LEU A 282 -0.25 -9.32 -1.98
CA LEU A 282 0.18 -10.48 -1.20
C LEU A 282 1.56 -10.26 -0.59
N ILE A 283 2.50 -9.68 -1.35
CA ILE A 283 3.85 -9.46 -0.86
C ILE A 283 3.90 -8.23 0.07
N SER A 284 3.33 -7.08 -0.36
CA SER A 284 3.39 -5.87 0.43
C SER A 284 2.69 -6.02 1.80
N VAL A 285 1.51 -6.68 1.85
CA VAL A 285 0.81 -6.78 3.13
C VAL A 285 1.60 -7.66 4.12
N ALA A 286 2.21 -8.77 3.67
CA ALA A 286 3.04 -9.62 4.52
C ALA A 286 4.30 -8.89 5.02
N GLU A 287 4.90 -8.08 4.16
CA GLU A 287 6.07 -7.30 4.54
C GLU A 287 5.67 -6.21 5.54
N MET A 288 4.58 -5.51 5.25
CA MET A 288 4.07 -4.49 6.17
C MET A 288 3.90 -5.08 7.59
N ILE A 289 3.29 -6.27 7.67
CA ILE A 289 2.96 -6.84 8.97
C ILE A 289 4.25 -7.21 9.71
N ASN A 290 5.21 -7.73 8.94
CA ASN A 290 6.52 -8.14 9.44
C ASN A 290 7.32 -6.94 9.96
N GLU A 291 7.26 -5.82 9.25
CA GLU A 291 7.90 -4.60 9.71
C GLU A 291 7.27 -4.08 11.00
N VAL A 292 5.93 -4.17 11.12
CA VAL A 292 5.27 -3.74 12.36
C VAL A 292 5.75 -4.64 13.51
N GLU A 293 5.82 -5.94 13.25
CA GLU A 293 6.23 -6.91 14.26
C GLU A 293 7.63 -6.59 14.77
N LYS A 294 8.60 -6.43 13.85
CA LYS A 294 9.96 -6.08 14.21
C LYS A 294 9.96 -4.81 15.05
N GLY A 295 9.11 -3.85 14.66
CA GLY A 295 9.10 -2.53 15.26
C GLY A 295 8.74 -2.59 16.74
N ILE A 296 7.80 -3.49 17.10
CA ILE A 296 7.29 -3.60 18.45
C ILE A 296 8.00 -4.72 19.23
N GLU A 297 8.99 -5.41 18.65
CA GLU A 297 9.76 -6.44 19.34
C GLU A 297 10.98 -5.80 20.02
#